data_6CB8
#
_entry.id   6CB8
#
_cell.length_a   1
_cell.length_b   1
_cell.length_c   1
_cell.angle_alpha   90.00
_cell.angle_beta   90.00
_cell.angle_gamma   90.00
#
_symmetry.space_group_name_H-M   'P 1'
#
loop_
_entity.id
_entity.type
_entity.pdbx_description
1 polymer Gasdermin-A3
2 non-polymer CARDIOLIPIN
#
_entity_poly.entity_id   1
_entity_poly.type   'polypeptide(L)'
_entity_poly.pdbx_seq_one_letter_code
;HMPVFEDVTRALVRELNPRGDLTPLDSLIDFKHFRPFCLVLRKRKSTLFWGARYVRTDYTLLDLLEPGSSPSDLTDSGNF
SFKNMLDVQVQGLVEVPKTVKVKGTAGLSQSSTLEVQTLSVAPSALENLKKERKLSADHSFLNEMRYHEKNLYVVMEAVE
AKQEVTVEQTGNANAIFSLPSLALLGLQGSLNNNKAVTIPKGCVLAYRVRLLRVFLFNLWDIPYICNDSMQTFPKIRRVP
CSAFISPTQMISEEPEEEKLIGELEVLFQ
;
_entity_poly.pdbx_strand_id   A
#
loop_
_chem_comp.id
_chem_comp.type
_chem_comp.name
_chem_comp.formula
CDL non-polymer CARDIOLIPIN 'C81 H156 O17 P2 -2'
#
# COMPACT_ATOMS: atom_id res chain seq x y z
N HIS A 1 7.48 -13.30 7.62
CA HIS A 1 6.48 -12.21 7.47
C HIS A 1 7.16 -10.84 7.43
N MET A 2 8.18 -10.73 6.59
CA MET A 2 8.70 -9.46 6.10
C MET A 2 8.47 -9.48 4.60
N PRO A 3 7.22 -9.39 4.17
CA PRO A 3 6.89 -9.72 2.77
C PRO A 3 7.69 -8.87 1.80
N VAL A 4 7.66 -9.29 0.54
CA VAL A 4 8.57 -8.77 -0.46
C VAL A 4 7.99 -7.49 -1.06
N PHE A 5 6.80 -7.61 -1.64
CA PHE A 5 6.25 -6.51 -2.43
C PHE A 5 6.03 -5.28 -1.55
N GLU A 6 5.48 -5.48 -0.35
CA GLU A 6 5.25 -4.34 0.53
C GLU A 6 6.56 -3.66 0.90
N ASP A 7 7.58 -4.44 1.25
CA ASP A 7 8.86 -3.83 1.60
C ASP A 7 9.42 -3.03 0.42
N VAL A 8 9.28 -3.55 -0.80
CA VAL A 8 9.77 -2.84 -1.97
C VAL A 8 9.04 -1.51 -2.13
N THR A 9 7.71 -1.55 -2.09
CA THR A 9 6.94 -0.32 -2.23
C THR A 9 7.29 0.69 -1.15
N ARG A 10 7.46 0.23 0.09
CA ARG A 10 7.84 1.13 1.18
C ARG A 10 9.19 1.76 0.91
N ALA A 11 10.17 0.95 0.49
CA ALA A 11 11.50 1.47 0.22
C ALA A 11 11.47 2.50 -0.91
N LEU A 12 10.81 2.18 -2.03
CA LEU A 12 10.77 3.13 -3.13
C LEU A 12 10.02 4.40 -2.73
N VAL A 13 8.99 4.29 -1.90
CA VAL A 13 8.32 5.48 -1.41
C VAL A 13 9.29 6.38 -0.66
N ARG A 14 9.89 5.86 0.42
CA ARG A 14 10.86 6.68 1.16
C ARG A 14 11.99 7.19 0.27
N GLU A 15 12.26 6.53 -0.85
CA GLU A 15 13.27 7.05 -1.79
C GLU A 15 12.71 8.15 -2.69
N LEU A 16 11.41 8.13 -2.96
CA LEU A 16 10.79 8.87 -4.05
C LEU A 16 9.94 10.04 -3.58
N ASN A 17 8.92 9.79 -2.75
CA ASN A 17 8.09 10.84 -2.15
C ASN A 17 7.92 10.53 -0.67
N PRO A 18 8.88 10.92 0.15
CA PRO A 18 8.69 10.81 1.60
C PRO A 18 7.62 11.77 2.04
N ARG A 19 7.34 11.82 3.35
CA ARG A 19 6.67 12.94 3.98
C ARG A 19 5.16 12.94 3.77
N GLY A 20 4.60 12.01 3.00
CA GLY A 20 3.19 12.15 2.66
C GLY A 20 2.57 11.17 1.71
N ASP A 21 1.89 11.71 0.69
CA ASP A 21 0.80 11.04 -0.01
C ASP A 21 1.06 9.57 -0.32
N LEU A 22 2.08 9.28 -1.13
CA LEU A 22 2.26 7.94 -1.67
C LEU A 22 2.18 6.89 -0.57
N THR A 23 1.18 6.02 -0.68
CA THR A 23 1.06 4.88 0.19
C THR A 23 1.44 3.65 -0.62
N PRO A 24 2.28 2.78 -0.09
CA PRO A 24 2.63 1.58 -0.85
C PRO A 24 1.41 0.72 -1.12
N LEU A 25 1.58 -0.34 -1.89
CA LEU A 25 0.49 -1.27 -2.17
C LEU A 25 0.74 -2.55 -1.38
N ASP A 26 -0.20 -2.90 -0.50
CA ASP A 26 -0.04 -4.07 0.36
C ASP A 26 -0.33 -5.36 -0.42
N SER A 27 -1.52 -5.48 -0.99
CA SER A 27 -1.86 -6.65 -1.78
C SER A 27 -1.34 -6.47 -3.20
N LEU A 28 -0.62 -7.46 -3.71
CA LEU A 28 -0.03 -7.30 -5.04
C LEU A 28 -1.09 -7.44 -6.12
N ILE A 29 -2.04 -8.36 -5.95
CA ILE A 29 -2.95 -8.73 -7.03
C ILE A 29 -3.84 -7.55 -7.41
N ASP A 30 -4.30 -6.79 -6.43
CA ASP A 30 -5.40 -5.85 -6.63
C ASP A 30 -4.99 -4.55 -7.32
N PHE A 31 -3.80 -4.51 -7.94
CA PHE A 31 -3.41 -3.30 -8.67
C PHE A 31 -4.43 -2.93 -9.74
N LYS A 32 -5.01 -3.92 -10.41
CA LYS A 32 -6.02 -3.64 -11.43
C LYS A 32 -7.23 -2.92 -10.83
N HIS A 33 -7.39 -2.94 -9.51
CA HIS A 33 -8.39 -2.15 -8.85
C HIS A 33 -7.82 -0.88 -8.23
N PHE A 34 -6.52 -0.84 -7.97
CA PHE A 34 -5.84 0.37 -7.53
C PHE A 34 -5.35 1.23 -8.69
N ARG A 35 -5.87 1.00 -9.90
CA ARG A 35 -5.65 1.89 -11.04
C ARG A 35 -6.12 3.30 -10.68
N PRO A 36 -5.84 4.31 -11.48
CA PRO A 36 -6.39 5.64 -11.22
C PRO A 36 -7.90 5.65 -11.43
N PHE A 37 -8.54 6.67 -10.85
CA PHE A 37 -9.98 6.88 -10.76
C PHE A 37 -10.62 5.98 -9.71
N CYS A 38 -9.88 5.06 -9.12
CA CYS A 38 -10.51 3.98 -8.35
C CYS A 38 -10.76 4.41 -6.91
N LEU A 39 -11.46 3.54 -6.20
CA LEU A 39 -11.92 3.80 -4.85
C LEU A 39 -11.16 2.91 -3.88
N VAL A 40 -11.22 3.28 -2.60
CA VAL A 40 -10.44 2.61 -1.55
C VAL A 40 -11.15 2.86 -0.23
N LEU A 41 -10.86 2.03 0.76
CA LEU A 41 -11.47 2.16 2.08
C LEU A 41 -10.43 2.50 3.13
N ARG A 42 -10.84 3.32 4.10
CA ARG A 42 -9.94 3.91 5.09
C ARG A 42 -8.94 2.90 5.66
N LYS A 43 -9.43 1.88 6.36
CA LYS A 43 -8.64 0.68 6.66
C LYS A 43 -7.35 1.03 7.42
N ARG A 44 -7.54 1.46 8.66
CA ARG A 44 -6.44 1.79 9.56
C ARG A 44 -5.57 2.92 8.97
N LYS A 45 -6.20 4.08 8.93
CA LYS A 45 -5.58 5.28 8.39
C LYS A 45 -4.37 5.68 9.22
N SER A 46 -3.72 6.75 8.79
CA SER A 46 -2.34 7.05 9.17
C SER A 46 -2.17 7.32 10.65
N THR A 47 -0.91 7.48 11.06
CA THR A 47 -0.54 8.04 12.34
C THR A 47 0.63 8.98 12.06
N LEU A 48 1.30 9.44 13.12
CA LEU A 48 2.60 10.06 12.97
C LEU A 48 3.73 9.04 12.95
N PHE A 49 3.45 7.80 13.36
CA PHE A 49 4.44 6.74 13.39
C PHE A 49 4.08 5.55 12.51
N TRP A 50 2.91 5.56 11.88
CA TRP A 50 2.48 4.47 11.00
C TRP A 50 2.34 4.99 9.58
N GLY A 51 1.98 4.07 8.67
CA GLY A 51 1.72 4.42 7.30
C GLY A 51 0.30 4.07 6.89
N ALA A 52 -0.51 5.08 6.59
CA ALA A 52 -1.90 4.86 6.21
C ALA A 52 -1.99 3.77 5.16
N ARG A 53 -3.13 3.09 5.10
CA ARG A 53 -3.34 2.03 4.14
C ARG A 53 -4.80 2.05 3.71
N TYR A 54 -5.11 1.29 2.68
CA TYR A 54 -6.48 1.18 2.20
C TYR A 54 -6.64 -0.22 1.62
N VAL A 55 -7.72 -0.44 0.86
CA VAL A 55 -8.01 -1.76 0.33
C VAL A 55 -8.72 -1.62 -1.01
N ARG A 56 -8.91 -2.77 -1.65
CA ARG A 56 -9.61 -2.86 -2.91
C ARG A 56 -11.06 -2.43 -2.75
N THR A 57 -11.68 -2.13 -3.90
CA THR A 57 -13.13 -2.05 -4.00
C THR A 57 -13.48 -2.25 -5.46
N ASP A 58 -14.47 -3.10 -5.73
CA ASP A 58 -14.68 -3.64 -7.06
C ASP A 58 -15.46 -2.69 -7.97
N TYR A 59 -15.51 -1.40 -7.66
CA TYR A 59 -16.19 -0.43 -8.52
C TYR A 59 -15.38 0.86 -8.53
N THR A 60 -15.12 1.36 -9.73
CA THR A 60 -14.40 2.61 -9.91
C THR A 60 -15.41 3.76 -10.03
N LEU A 61 -14.96 4.94 -10.45
CA LEU A 61 -15.84 6.10 -10.53
C LEU A 61 -16.62 6.15 -11.84
N LEU A 62 -16.00 5.74 -12.94
CA LEU A 62 -16.68 5.72 -14.23
C LEU A 62 -17.91 4.82 -14.18
N ASP A 63 -17.77 3.65 -13.56
CA ASP A 63 -18.91 2.74 -13.43
C ASP A 63 -19.99 3.33 -12.54
N LEU A 64 -19.59 4.05 -11.49
CA LEU A 64 -20.54 4.55 -10.50
C LEU A 64 -21.19 5.87 -10.92
N LEU A 65 -20.70 6.50 -11.98
CA LEU A 65 -21.44 7.59 -12.60
C LEU A 65 -22.75 7.08 -13.21
N GLU A 66 -23.49 8.01 -13.83
CA GLU A 66 -24.63 7.68 -14.69
C GLU A 66 -24.51 6.32 -15.34
N PRO A 71 -13.66 10.22 -20.63
CA PRO A 71 -12.63 11.21 -20.29
C PRO A 71 -11.31 10.56 -19.87
N SER A 72 -10.65 9.89 -20.82
CA SER A 72 -9.41 9.16 -20.56
C SER A 72 -8.23 10.00 -21.03
N ASP A 73 -7.59 10.71 -20.11
CA ASP A 73 -6.45 11.56 -20.41
C ASP A 73 -5.37 11.39 -19.35
N LEU A 74 -5.02 10.14 -19.02
CA LEU A 74 -3.94 9.86 -18.07
C LEU A 74 -2.65 10.53 -18.52
N THR A 75 -2.17 11.50 -17.75
CA THR A 75 -1.15 12.45 -18.23
C THR A 75 0.02 12.49 -17.25
N ASP A 76 0.99 11.60 -17.46
CA ASP A 76 2.36 11.78 -16.98
C ASP A 76 3.15 10.56 -17.41
N SER A 77 4.48 10.72 -17.50
CA SER A 77 5.36 9.58 -17.68
C SER A 77 6.67 9.75 -16.90
N GLY A 78 6.66 10.53 -15.82
CA GLY A 78 7.85 10.68 -15.01
C GLY A 78 8.42 9.33 -14.63
N ASN A 79 9.58 8.98 -15.20
CA ASN A 79 10.12 7.64 -15.06
C ASN A 79 11.38 7.66 -14.20
N PHE A 80 11.72 6.50 -13.66
CA PHE A 80 12.76 6.37 -12.64
C PHE A 80 13.29 4.96 -12.67
N SER A 81 14.49 4.78 -12.14
CA SER A 81 15.13 3.47 -12.05
C SER A 81 15.65 3.30 -10.63
N PHE A 82 14.89 2.61 -9.78
CA PHE A 82 15.29 2.41 -8.40
C PHE A 82 16.02 1.09 -8.27
N LYS A 83 17.27 1.15 -7.85
CA LYS A 83 18.04 -0.05 -7.52
C LYS A 83 18.34 -0.03 -6.03
N ASN A 84 17.59 -0.81 -5.27
CA ASN A 84 17.85 -1.02 -3.86
C ASN A 84 18.44 -2.39 -3.65
N MET A 85 19.30 -2.48 -2.65
CA MET A 85 19.79 -3.77 -2.18
C MET A 85 20.35 -3.55 -0.79
N LEU A 86 20.12 -4.52 0.08
CA LEU A 86 20.69 -4.42 1.42
C LEU A 86 20.75 -5.80 2.07
N ASP A 87 21.51 -5.86 3.16
CA ASP A 87 21.70 -7.08 3.94
C ASP A 87 21.73 -6.64 5.39
N VAL A 88 20.58 -6.76 6.07
CA VAL A 88 20.47 -6.39 7.47
C VAL A 88 20.57 -7.63 8.33
N GLN A 89 21.49 -7.61 9.28
CA GLN A 89 21.68 -8.69 10.24
C GLN A 89 21.43 -8.12 11.63
N VAL A 90 20.78 -8.92 12.49
CA VAL A 90 20.45 -8.52 13.84
C VAL A 90 20.76 -9.67 14.79
N GLN A 91 21.22 -9.34 15.99
CA GLN A 91 21.61 -10.35 16.97
C GLN A 91 21.36 -9.83 18.36
N GLY A 92 20.45 -10.47 19.09
CA GLY A 92 20.06 -10.04 20.41
C GLY A 92 20.23 -11.16 21.43
N LEU A 93 20.55 -10.76 22.66
CA LEU A 93 20.76 -11.69 23.77
C LEU A 93 19.84 -11.33 24.93
N VAL A 94 19.60 -12.32 25.77
CA VAL A 94 18.89 -12.14 27.04
C VAL A 94 19.43 -13.19 27.99
N GLU A 95 19.94 -12.77 29.15
CA GLU A 95 20.56 -13.69 30.11
C GLU A 95 19.98 -13.40 31.50
N VAL A 96 18.83 -14.00 31.80
CA VAL A 96 18.10 -13.67 33.02
C VAL A 96 18.43 -14.74 34.06
N PRO A 97 17.92 -14.66 35.31
CA PRO A 97 18.57 -15.39 36.41
C PRO A 97 18.26 -16.88 36.50
N LYS A 98 17.20 -17.38 35.87
CA LYS A 98 16.88 -18.81 35.97
C LYS A 98 17.79 -19.66 35.09
N THR A 99 18.93 -19.09 34.66
CA THR A 99 19.75 -19.64 33.59
C THR A 99 19.03 -19.50 32.25
N VAL A 100 17.89 -18.80 32.22
CA VAL A 100 17.14 -18.59 30.99
C VAL A 100 17.98 -17.68 30.09
N LYS A 101 18.56 -18.29 29.07
CA LYS A 101 19.37 -17.61 28.07
C LYS A 101 18.63 -17.70 26.73
N VAL A 102 18.15 -16.57 26.25
CA VAL A 102 17.59 -16.46 24.91
C VAL A 102 18.61 -15.77 24.02
N LYS A 103 18.68 -16.20 22.76
CA LYS A 103 19.63 -15.59 21.83
C LYS A 103 19.13 -15.76 20.41
N GLY A 104 18.81 -14.64 19.76
CA GLY A 104 18.27 -14.68 18.41
C GLY A 104 19.10 -13.93 17.39
N THR A 105 19.48 -14.60 16.31
CA THR A 105 20.24 -14.01 15.21
C THR A 105 19.43 -14.14 13.93
N ALA A 106 18.97 -13.02 13.39
CA ALA A 106 18.27 -13.01 12.12
C ALA A 106 19.07 -12.23 11.10
N GLY A 107 18.68 -12.40 9.85
CA GLY A 107 19.32 -11.71 8.74
C GLY A 107 18.39 -11.69 7.55
N LEU A 108 18.63 -10.74 6.65
CA LEU A 108 17.68 -10.49 5.59
C LEU A 108 18.38 -9.74 4.46
N SER A 109 18.42 -10.36 3.29
CA SER A 109 18.95 -9.76 2.08
C SER A 109 17.79 -9.43 1.16
N GLN A 110 17.75 -8.20 0.66
CA GLN A 110 16.75 -7.81 -0.32
C GLN A 110 17.46 -7.19 -1.51
N SER A 111 16.89 -7.39 -2.70
CA SER A 111 17.51 -6.98 -3.95
C SER A 111 16.43 -6.68 -4.99
N SER A 112 16.48 -5.48 -5.59
CA SER A 112 15.51 -5.10 -6.61
C SER A 112 16.04 -3.92 -7.41
N THR A 113 16.30 -4.13 -8.70
CA THR A 113 16.62 -3.03 -9.61
C THR A 113 15.47 -2.90 -10.60
N LEU A 114 14.45 -2.16 -10.19
CA LEU A 114 13.23 -2.05 -10.96
C LEU A 114 13.10 -0.66 -11.57
N GLU A 115 12.15 -0.56 -12.50
CA GLU A 115 11.77 0.70 -13.12
C GLU A 115 10.46 1.18 -12.51
N VAL A 116 10.23 2.49 -12.55
CA VAL A 116 8.99 3.08 -12.08
C VAL A 116 8.53 4.15 -13.06
N GLN A 117 7.21 4.25 -13.22
CA GLN A 117 6.56 5.23 -14.08
C GLN A 117 5.30 5.74 -13.38
N THR A 118 4.96 7.00 -13.63
CA THR A 118 3.93 7.68 -12.87
C THR A 118 2.77 8.07 -13.77
N LEU A 119 1.59 8.15 -13.16
CA LEU A 119 0.36 8.51 -13.86
C LEU A 119 -0.39 9.56 -13.05
N SER A 120 -1.29 10.26 -13.72
CA SER A 120 -2.14 11.22 -13.02
C SER A 120 -3.30 11.58 -13.93
N VAL A 121 -4.51 11.60 -13.36
CA VAL A 121 -5.66 12.14 -14.05
C VAL A 121 -5.54 13.65 -14.13
N ALA A 122 -5.72 14.19 -15.33
CA ALA A 122 -5.60 15.63 -15.51
C ALA A 122 -6.65 16.35 -14.67
N PRO A 123 -6.27 17.37 -13.89
CA PRO A 123 -7.31 18.12 -13.15
C PRO A 123 -8.39 18.69 -14.06
N SER A 124 -8.01 19.14 -15.25
CA SER A 124 -9.00 19.62 -16.22
C SER A 124 -9.96 18.52 -16.61
N ALA A 125 -9.43 17.37 -17.05
CA ALA A 125 -10.29 16.25 -17.42
C ALA A 125 -11.25 15.90 -16.29
N LEU A 126 -10.73 15.80 -15.07
CA LEU A 126 -11.59 15.53 -13.93
C LEU A 126 -12.68 16.59 -13.80
N GLU A 127 -12.28 17.85 -13.58
CA GLU A 127 -13.25 18.91 -13.36
C GLU A 127 -14.35 18.86 -14.42
N ASN A 128 -13.98 18.59 -15.68
CA ASN A 128 -15.00 18.50 -16.72
C ASN A 128 -15.89 17.28 -16.54
N LEU A 129 -15.32 16.15 -16.11
CA LEU A 129 -16.12 14.97 -15.78
C LEU A 129 -17.15 15.29 -14.70
N LYS A 130 -16.68 15.66 -13.51
CA LYS A 130 -17.60 16.05 -12.43
C LYS A 130 -18.59 17.11 -12.89
N LYS A 131 -18.21 17.92 -13.88
CA LYS A 131 -19.08 18.99 -14.37
C LYS A 131 -20.26 18.42 -15.14
N GLU A 132 -19.99 17.70 -16.22
CA GLU A 132 -21.05 17.21 -17.10
C GLU A 132 -21.68 15.92 -16.55
N ARG A 133 -20.86 14.90 -16.29
CA ARG A 133 -21.35 13.64 -15.73
C ARG A 133 -22.09 13.92 -14.44
N LYS A 134 -22.91 12.97 -13.99
CA LYS A 134 -23.57 13.13 -12.71
C LYS A 134 -23.73 11.76 -12.06
N LEU A 135 -23.83 11.80 -10.73
CA LEU A 135 -23.88 10.57 -9.96
C LEU A 135 -25.26 9.92 -10.07
N SER A 136 -25.27 8.59 -10.04
CA SER A 136 -26.52 7.85 -9.91
C SER A 136 -26.93 7.82 -8.44
N ALA A 137 -28.14 7.31 -8.17
CA ALA A 137 -28.63 7.20 -6.79
C ALA A 137 -29.23 5.85 -6.45
N ASP A 138 -29.51 5.00 -7.44
CA ASP A 138 -30.00 3.66 -7.20
C ASP A 138 -28.90 2.60 -7.30
N HIS A 139 -27.66 3.02 -7.52
CA HIS A 139 -26.56 2.06 -7.62
C HIS A 139 -26.41 1.32 -6.29
N SER A 140 -26.51 -0.01 -6.33
CA SER A 140 -26.58 -0.80 -5.11
C SER A 140 -25.33 -0.62 -4.23
N PHE A 141 -24.16 -0.76 -4.85
CA PHE A 141 -22.90 -0.62 -4.13
C PHE A 141 -22.90 0.64 -3.29
N LEU A 142 -22.97 1.80 -3.95
CA LEU A 142 -22.96 3.07 -3.25
C LEU A 142 -24.16 3.23 -2.34
N ASN A 143 -25.27 2.57 -2.66
CA ASN A 143 -26.43 2.59 -1.78
C ASN A 143 -26.04 2.07 -0.40
N GLU A 144 -25.32 0.94 -0.37
CA GLU A 144 -24.83 0.43 0.91
C GLU A 144 -23.73 1.32 1.50
N MET A 145 -22.93 1.95 0.65
CA MET A 145 -21.86 2.83 1.14
C MET A 145 -22.46 3.99 1.93
N ARG A 146 -23.49 4.64 1.38
CA ARG A 146 -24.20 5.69 2.09
C ARG A 146 -24.98 5.14 3.28
N TYR A 147 -25.54 3.93 3.15
CA TYR A 147 -26.12 3.26 4.31
C TYR A 147 -25.15 3.31 5.48
N HIS A 148 -23.93 2.82 5.27
CA HIS A 148 -23.09 2.41 6.38
C HIS A 148 -21.97 3.41 6.68
N GLU A 149 -21.90 4.52 5.94
CA GLU A 149 -21.00 5.64 6.26
C GLU A 149 -19.53 5.20 6.26
N LYS A 150 -19.07 4.83 5.07
CA LYS A 150 -17.73 4.29 4.93
C LYS A 150 -16.66 5.37 4.89
N ASN A 151 -17.00 6.57 4.40
CA ASN A 151 -15.99 7.62 4.19
C ASN A 151 -14.91 7.13 3.24
N LEU A 152 -15.34 6.46 2.17
CA LEU A 152 -14.41 5.92 1.18
C LEU A 152 -13.57 7.03 0.54
N TYR A 153 -12.41 6.65 0.06
CA TYR A 153 -11.50 7.58 -0.60
C TYR A 153 -11.26 7.16 -2.05
N VAL A 154 -10.51 7.98 -2.78
CA VAL A 154 -10.27 7.80 -4.21
C VAL A 154 -8.79 8.02 -4.53
N VAL A 155 -8.30 7.28 -5.52
CA VAL A 155 -6.90 7.35 -5.95
C VAL A 155 -6.80 8.24 -7.18
N MET A 156 -5.96 9.25 -7.11
CA MET A 156 -5.73 10.13 -8.26
C MET A 156 -4.59 9.61 -9.12
N GLU A 157 -3.39 9.52 -8.55
CA GLU A 157 -2.19 9.13 -9.27
C GLU A 157 -1.70 7.76 -8.81
N ALA A 158 -1.07 7.04 -9.74
CA ALA A 158 -0.50 5.73 -9.46
C ALA A 158 1.01 5.78 -9.68
N VAL A 159 1.67 4.66 -9.41
CA VAL A 159 3.10 4.51 -9.64
C VAL A 159 3.35 3.09 -10.14
N GLU A 160 3.66 2.94 -11.43
CA GLU A 160 3.65 1.64 -12.08
C GLU A 160 5.05 1.21 -12.47
N ALA A 161 5.18 -0.08 -12.79
CA ALA A 161 6.42 -0.64 -13.32
C ALA A 161 6.34 -0.58 -14.85
N LYS A 162 7.08 0.36 -15.44
CA LYS A 162 7.04 0.53 -16.89
C LYS A 162 7.47 -0.72 -17.64
N GLN A 163 7.97 -1.74 -16.94
CA GLN A 163 8.27 -3.01 -17.57
C GLN A 163 8.38 -4.08 -16.48
N GLU A 164 8.25 -5.33 -16.91
CA GLU A 164 8.27 -6.45 -15.97
C GLU A 164 9.62 -6.55 -15.26
N VAL A 165 9.59 -6.80 -13.96
CA VAL A 165 10.79 -6.88 -13.14
C VAL A 165 10.70 -8.10 -12.24
N THR A 166 11.74 -8.32 -11.44
CA THR A 166 11.72 -9.34 -10.40
C THR A 166 12.36 -8.78 -9.14
N VAL A 167 11.94 -9.32 -8.01
CA VAL A 167 12.46 -8.94 -6.70
C VAL A 167 12.95 -10.19 -6.02
N GLU A 168 14.06 -10.08 -5.30
CA GLU A 168 14.58 -11.21 -4.54
C GLU A 168 14.68 -10.80 -3.08
N GLN A 169 14.30 -11.71 -2.19
CA GLN A 169 14.30 -11.41 -0.77
C GLN A 169 14.47 -12.71 0.00
N THR A 170 15.60 -12.83 0.70
CA THR A 170 15.88 -14.02 1.48
C THR A 170 16.11 -13.63 2.93
N GLY A 171 15.89 -14.59 3.82
CA GLY A 171 16.04 -14.35 5.24
C GLY A 171 16.56 -15.58 5.94
N ASN A 172 17.04 -15.36 7.16
CA ASN A 172 17.54 -16.43 8.01
C ASN A 172 17.23 -16.06 9.45
N ALA A 173 17.07 -17.08 10.29
CA ALA A 173 16.86 -16.85 11.70
C ALA A 173 17.37 -18.05 12.47
N ASN A 174 17.86 -17.80 13.69
CA ASN A 174 18.43 -18.83 14.52
C ASN A 174 18.27 -18.35 15.96
N ALA A 175 17.29 -18.91 16.67
CA ALA A 175 16.96 -18.47 18.02
C ALA A 175 17.01 -19.65 18.97
N ILE A 176 17.83 -19.51 20.03
CA ILE A 176 18.03 -20.58 21.00
C ILE A 176 17.48 -20.13 22.35
N PHE A 177 16.88 -21.08 23.06
CA PHE A 177 16.49 -20.94 24.46
C PHE A 177 17.29 -21.92 25.29
N SER A 178 17.64 -21.52 26.50
CA SER A 178 18.33 -22.39 27.45
C SER A 178 17.74 -22.07 28.81
N LEU A 179 16.72 -22.82 29.21
CA LEU A 179 15.98 -22.54 30.46
C LEU A 179 15.91 -23.79 31.33
N PRO A 180 16.74 -23.87 32.38
CA PRO A 180 16.57 -24.93 33.40
C PRO A 180 15.43 -24.65 34.36
N SER A 181 14.29 -24.22 33.82
CA SER A 181 13.02 -24.16 34.53
C SER A 181 12.16 -25.38 34.25
N LEU A 182 12.17 -25.86 33.01
CA LEU A 182 11.48 -27.08 32.60
C LEU A 182 12.54 -28.05 32.07
N ALA A 183 13.16 -28.80 33.00
CA ALA A 183 14.08 -29.88 32.66
C ALA A 183 15.21 -29.42 31.74
N LEU A 184 15.70 -28.19 31.95
CA LEU A 184 16.69 -27.58 31.05
C LEU A 184 16.25 -27.75 29.60
N LEU A 185 15.16 -27.06 29.27
CA LEU A 185 14.78 -26.98 27.86
C LEU A 185 15.88 -26.18 27.16
N GLY A 186 16.72 -26.90 26.42
CA GLY A 186 17.69 -26.28 25.54
C GLY A 186 17.28 -26.47 24.10
N LEU A 187 16.71 -25.42 23.50
CA LEU A 187 16.11 -25.50 22.18
C LEU A 187 16.82 -24.56 21.22
N GLN A 188 16.73 -24.88 19.93
CA GLN A 188 17.30 -24.05 18.86
C GLN A 188 16.40 -24.12 17.64
N GLY A 189 15.49 -23.15 17.50
CA GLY A 189 14.77 -23.01 16.26
C GLY A 189 15.61 -22.28 15.23
N SER A 190 15.31 -22.52 13.95
CA SER A 190 16.08 -21.88 12.89
C SER A 190 15.28 -21.96 11.59
N LEU A 191 15.78 -21.22 10.60
CA LEU A 191 15.20 -21.25 9.26
C LEU A 191 16.11 -20.47 8.32
N ASN A 192 15.95 -20.74 7.01
CA ASN A 192 16.64 -19.99 5.96
C ASN A 192 15.71 -19.98 4.74
N ASN A 193 14.89 -18.95 4.64
CA ASN A 193 13.96 -18.82 3.52
C ASN A 193 14.58 -18.03 2.39
N ASN A 194 14.04 -18.22 1.19
CA ASN A 194 14.32 -17.36 0.06
C ASN A 194 13.00 -17.09 -0.66
N LYS A 195 12.98 -16.04 -1.45
CA LYS A 195 11.78 -15.64 -2.17
C LYS A 195 12.19 -14.91 -3.44
N ALA A 196 11.44 -15.15 -4.51
CA ALA A 196 11.74 -14.55 -5.80
C ALA A 196 10.40 -14.28 -6.49
N VAL A 197 10.05 -13.01 -6.60
CA VAL A 197 8.79 -12.62 -7.24
C VAL A 197 9.11 -12.02 -8.61
N THR A 198 8.20 -12.24 -9.55
CA THR A 198 8.28 -11.68 -10.89
C THR A 198 7.15 -10.66 -11.02
N ILE A 199 7.42 -9.42 -10.60
CA ILE A 199 6.45 -8.34 -10.67
C ILE A 199 6.06 -8.13 -12.13
N PRO A 200 4.80 -8.36 -12.49
CA PRO A 200 4.38 -8.16 -13.88
C PRO A 200 4.20 -6.68 -14.20
N LYS A 201 4.33 -6.38 -15.49
CA LYS A 201 4.16 -5.01 -15.96
C LYS A 201 2.79 -4.47 -15.55
N GLY A 202 2.73 -3.16 -15.32
CA GLY A 202 1.49 -2.50 -14.96
C GLY A 202 1.11 -2.60 -13.50
N CYS A 203 1.78 -3.44 -12.72
CA CYS A 203 1.42 -3.60 -11.31
C CYS A 203 1.77 -2.33 -10.55
N VAL A 204 0.73 -1.56 -10.18
CA VAL A 204 0.95 -0.35 -9.38
C VAL A 204 1.74 -0.71 -8.14
N LEU A 205 2.76 0.09 -7.83
CA LEU A 205 3.63 -0.17 -6.69
C LEU A 205 3.23 0.70 -5.49
N ALA A 206 3.24 2.01 -5.67
CA ALA A 206 2.67 2.93 -4.70
C ALA A 206 1.55 3.68 -5.40
N TYR A 207 0.52 4.03 -4.65
CA TYR A 207 -0.58 4.82 -5.21
C TYR A 207 -0.86 5.99 -4.28
N ARG A 208 -1.60 6.95 -4.81
CA ARG A 208 -2.04 8.09 -4.02
C ARG A 208 -3.54 8.01 -3.84
N VAL A 209 -4.03 8.73 -2.83
CA VAL A 209 -5.42 8.69 -2.45
C VAL A 209 -5.97 10.11 -2.48
N ARG A 210 -7.29 10.20 -2.48
CA ARG A 210 -7.96 11.49 -2.53
C ARG A 210 -9.42 11.29 -2.15
N LEU A 211 -9.92 12.07 -1.20
CA LEU A 211 -11.28 11.89 -0.71
C LEU A 211 -12.30 12.06 -1.84
N LEU A 212 -13.51 11.56 -1.60
CA LEU A 212 -14.63 11.72 -2.51
C LEU A 212 -15.82 12.26 -1.72
N ARG A 213 -16.10 13.56 -1.83
CA ARG A 213 -17.16 14.16 -1.03
C ARG A 213 -18.37 14.35 -1.93
N VAL A 214 -19.41 13.56 -1.69
CA VAL A 214 -20.63 13.61 -2.48
C VAL A 214 -21.67 14.44 -1.72
N PHE A 215 -22.14 15.51 -2.35
CA PHE A 215 -23.12 16.39 -1.78
C PHE A 215 -24.47 15.69 -1.68
N LEU A 216 -25.40 16.31 -0.95
CA LEU A 216 -26.70 15.70 -0.70
C LEU A 216 -27.34 15.20 -1.99
N PHE A 217 -27.68 16.12 -2.89
CA PHE A 217 -28.49 15.81 -4.06
C PHE A 217 -27.84 16.44 -5.29
N ASN A 218 -27.10 15.66 -6.07
CA ASN A 218 -26.58 14.36 -5.65
C ASN A 218 -25.19 14.22 -6.27
N LEU A 219 -24.64 15.35 -6.68
CA LEU A 219 -23.35 15.41 -7.35
C LEU A 219 -22.25 15.43 -6.30
N TRP A 220 -21.02 15.70 -6.72
CA TRP A 220 -19.88 15.33 -5.90
C TRP A 220 -18.66 16.14 -6.33
N ASP A 221 -17.59 15.93 -5.58
CA ASP A 221 -16.32 16.60 -5.84
C ASP A 221 -15.25 15.82 -5.08
N ILE A 222 -14.01 16.29 -5.19
CA ILE A 222 -12.87 15.63 -4.54
C ILE A 222 -11.91 16.72 -4.08
N PRO A 223 -12.21 17.43 -2.98
CA PRO A 223 -11.51 18.68 -2.70
C PRO A 223 -10.04 18.46 -2.38
N TYR A 224 -9.29 19.56 -2.38
CA TYR A 224 -7.92 19.52 -1.87
C TYR A 224 -7.89 19.39 -0.36
N ILE A 225 -8.78 20.11 0.32
CA ILE A 225 -8.90 20.02 1.77
C ILE A 225 -9.56 18.69 2.14
N CYS A 226 -8.73 17.72 2.51
CA CYS A 226 -9.18 16.40 2.94
C CYS A 226 -9.20 16.30 4.47
N ASN A 227 -9.63 17.38 5.13
CA ASN A 227 -9.56 17.53 6.57
C ASN A 227 -10.00 16.25 7.29
N ASP A 228 -9.44 16.01 8.48
CA ASP A 228 -9.77 14.80 9.22
C ASP A 228 -11.27 14.60 9.34
N SER A 229 -12.02 15.66 9.60
CA SER A 229 -13.46 15.56 9.80
C SER A 229 -14.23 15.29 8.51
N MET A 230 -13.58 15.42 7.36
CA MET A 230 -14.29 15.29 6.09
C MET A 230 -14.96 13.93 6.00
N GLN A 231 -16.05 13.86 5.23
CA GLN A 231 -16.86 12.67 5.15
C GLN A 231 -17.52 12.57 3.78
N THR A 232 -17.61 11.35 3.28
CA THR A 232 -18.20 11.13 1.96
C THR A 232 -19.71 11.35 1.99
N PHE A 233 -20.41 10.61 2.85
CA PHE A 233 -21.87 10.68 2.91
C PHE A 233 -22.29 11.41 4.17
N PRO A 234 -22.66 12.71 4.10
CA PRO A 234 -23.01 13.46 5.31
C PRO A 234 -24.22 12.92 6.04
C1 CDL B . 13.13 -3.49 7.50
O1 CDL B . 13.00 -4.37 8.58
CA2 CDL B . 14.49 -2.80 7.62
OA2 CDL B . 14.40 -1.55 6.99
PA1 CDL B . 15.00 -0.21 7.73
OA3 CDL B . 14.64 1.01 6.93
OA4 CDL B . 16.51 -0.31 7.85
OA5 CDL B . 14.40 -0.09 9.12
CB2 CDL B . 11.98 -2.48 7.53
OB2 CDL B . 10.81 -3.12 7.99
PB2 CDL B . 10.53 -3.18 9.61
OB3 CDL B . 9.74 -4.41 9.93
OB4 CDL B . 11.87 -3.23 10.32
OB5 CDL B . 9.78 -1.95 10.06
#